data_6H6R
#
_entry.id   6H6R
#
_cell.length_a   71.352
_cell.length_b   71.352
_cell.length_c   105.569
_cell.angle_alpha   90.00
_cell.angle_beta   90.00
_cell.angle_gamma   90.00
#
_symmetry.space_group_name_H-M   'P 41 2 2'
#
loop_
_entity.id
_entity.type
_entity.pdbx_description
1 polymer 'E3 ubiquitin-protein ligase XIAP'
2 non-polymer 'ZINC ION'
3 non-polymer 'SODIUM ION'
4 non-polymer 2-[[(2~{R},5~{R})-1-[2-[6-[(4-fluorophenyl)methyl]-3,3-dimethyl-2~{H}-pyrrolo[3,2-b]pyridin-1-yl]-2-oxidanylidene-ethyl]-5-methyl-piperazin-2-yl]methyl]-3~{H}-isoindol-1-one
5 water water
#
_entity_poly.entity_id   1
_entity_poly.type   'polypeptide(L)'
_entity_poly.pdbx_seq_one_letter_code
;MGSSHHHHHHSSGLVPRGSHMNFPNSTNLPRNPSMADYEARIFTFGTWIYSVNKEQLARAGFYALGEGDKVKCFHCGGGL
TDWKPSEDPWEQHAKWYPGCKYLLEQKGQEYINNIHLTHSLEECLVR
;
_entity_poly.pdbx_strand_id   A
#
loop_
_chem_comp.id
_chem_comp.type
_chem_comp.name
_chem_comp.formula
FUE non-polymer 2-[[(2~{R},5~{R})-1-[2-[6-[(4-fluorophenyl)methyl]-3,3-dimethyl-2~{H}-pyrrolo[3,2-b]pyridin-1-yl]-2-oxidanylidene-ethyl]-5-methyl-piperazin-2-yl]methyl]-3~{H}-isoindol-1-one 'C32 H36 F N5 O2'
NA non-polymer 'SODIUM ION' 'Na 1'
ZN non-polymer 'ZINC ION' 'Zn 2'
#
# COMPACT_ATOMS: atom_id res chain seq x y z
N MET A 21 -11.72 -11.94 -7.06
CA MET A 21 -11.49 -10.68 -6.33
C MET A 21 -11.48 -10.98 -4.81
N ASN A 22 -10.27 -11.18 -4.23
CA ASN A 22 -10.17 -11.78 -2.90
C ASN A 22 -10.47 -10.76 -1.81
N PHE A 23 -11.02 -11.23 -0.73
CA PHE A 23 -11.19 -10.44 0.47
C PHE A 23 -9.80 -10.05 0.99
N PRO A 24 -9.70 -8.89 1.66
CA PRO A 24 -8.40 -8.46 2.20
C PRO A 24 -8.00 -9.28 3.43
N ASN A 25 -6.75 -9.68 3.53
CA ASN A 25 -6.31 -10.40 4.71
C ASN A 25 -6.19 -9.43 5.89
N SER A 26 -6.97 -9.67 6.94
CA SER A 26 -6.86 -8.88 8.15
C SER A 26 -6.25 -9.63 9.31
N THR A 27 -5.63 -10.79 9.08
CA THR A 27 -4.96 -11.50 10.19
C THR A 27 -3.58 -10.98 10.37
N ASN A 28 -2.89 -11.44 11.42
CA ASN A 28 -1.51 -11.04 11.67
C ASN A 28 -0.52 -11.87 10.90
N LEU A 29 -0.96 -12.81 10.07
CA LEU A 29 -0.10 -13.60 9.22
C LEU A 29 -0.14 -13.11 7.78
N PRO A 30 1.02 -12.90 7.14
CA PRO A 30 1.01 -12.43 5.76
C PRO A 30 0.44 -13.45 4.75
N ARG A 31 -0.31 -12.95 3.80
CA ARG A 31 -0.79 -13.73 2.72
C ARG A 31 0.33 -14.26 1.83
N ASN A 32 1.39 -13.45 1.63
CA ASN A 32 2.46 -13.82 0.77
C ASN A 32 3.80 -13.69 1.51
N PRO A 33 4.11 -14.71 2.32
CA PRO A 33 5.38 -14.68 3.06
C PRO A 33 6.66 -14.67 2.22
N SER A 34 6.65 -15.13 0.95
CA SER A 34 7.81 -15.01 0.08
C SER A 34 8.20 -13.55 -0.17
N MET A 35 7.24 -12.62 -0.11
CA MET A 35 7.47 -11.18 -0.23
C MET A 35 7.57 -10.45 1.12
N ALA A 36 7.83 -11.17 2.25
CA ALA A 36 7.93 -10.53 3.57
C ALA A 36 9.20 -9.71 3.73
N ASP A 37 10.28 -10.01 2.98
CA ASP A 37 11.53 -9.27 3.11
C ASP A 37 11.52 -8.09 2.13
N TYR A 38 11.94 -6.93 2.60
CA TYR A 38 12.09 -5.71 1.78
C TYR A 38 12.85 -6.01 0.48
N GLU A 39 13.95 -6.73 0.58
CA GLU A 39 14.78 -7.03 -0.58
C GLU A 39 14.11 -7.94 -1.60
N ALA A 40 13.33 -8.91 -1.14
CA ALA A 40 12.57 -9.74 -2.08
C ALA A 40 11.61 -8.85 -2.88
N ARG A 41 10.91 -7.98 -2.18
CA ARG A 41 9.95 -7.08 -2.81
C ARG A 41 10.68 -6.17 -3.79
N ILE A 42 11.87 -5.66 -3.42
CA ILE A 42 12.53 -4.66 -4.24
C ILE A 42 12.87 -5.30 -5.61
N PHE A 43 13.27 -6.57 -5.63
CA PHE A 43 13.64 -7.29 -6.87
C PHE A 43 12.48 -7.44 -7.86
N THR A 44 11.24 -7.37 -7.41
CA THR A 44 10.10 -7.58 -8.30
C THR A 44 9.91 -6.42 -9.29
N PHE A 45 10.34 -5.21 -8.92
CA PHE A 45 10.09 -4.01 -9.74
C PHE A 45 10.92 -3.97 -11.01
N GLY A 46 12.19 -4.38 -10.93
CA GLY A 46 13.14 -4.15 -12.00
C GLY A 46 13.36 -2.67 -12.27
N THR A 47 13.74 -2.31 -13.50
CA THR A 47 13.71 -0.89 -13.92
C THR A 47 12.28 -0.34 -13.82
N TRP A 48 12.10 0.65 -12.92
CA TRP A 48 10.80 1.20 -12.57
C TRP A 48 10.67 2.56 -13.19
N ILE A 49 9.72 2.74 -14.11
CA ILE A 49 9.59 3.99 -14.88
C ILE A 49 8.53 4.91 -14.26
N TYR A 50 7.85 4.44 -13.25
CA TYR A 50 6.64 5.07 -12.77
C TYR A 50 6.93 6.17 -11.78
N SER A 51 5.89 6.95 -11.51
CA SER A 51 5.99 8.27 -10.90
C SER A 51 6.22 8.14 -9.38
N VAL A 52 5.87 6.99 -8.82
CA VAL A 52 6.12 6.72 -7.43
C VAL A 52 7.33 5.78 -7.30
N ASN A 53 8.14 6.06 -6.29
CA ASN A 53 9.47 5.47 -6.02
C ASN A 53 9.29 4.01 -5.55
N LYS A 54 10.08 3.06 -6.09
CA LYS A 54 9.98 1.62 -5.76
C LYS A 54 10.45 1.29 -4.34
N GLU A 55 11.45 2.05 -3.83
CA GLU A 55 11.91 1.85 -2.46
C GLU A 55 10.80 2.27 -1.47
N GLN A 56 10.13 3.38 -1.74
CA GLN A 56 9.01 3.85 -0.93
C GLN A 56 7.81 2.85 -1.04
N LEU A 57 7.57 2.30 -2.22
CA LEU A 57 6.54 1.25 -2.36
C LEU A 57 6.92 0.00 -1.53
N ALA A 58 8.16 -0.50 -1.71
CA ALA A 58 8.63 -1.69 -0.98
C ALA A 58 8.58 -1.51 0.54
N ARG A 59 8.98 -0.33 1.05
CA ARG A 59 8.93 -0.04 2.49
C ARG A 59 7.50 -0.05 3.02
N ALA A 60 6.52 0.35 2.18
CA ALA A 60 5.11 0.27 2.51
C ALA A 60 4.46 -1.13 2.29
N GLY A 61 5.28 -2.17 2.13
CA GLY A 61 4.83 -3.55 1.99
C GLY A 61 4.51 -4.02 0.59
N PHE A 62 4.68 -3.15 -0.42
CA PHE A 62 4.25 -3.43 -1.79
C PHE A 62 5.33 -4.09 -2.66
N TYR A 63 4.92 -4.96 -3.57
CA TYR A 63 5.83 -5.56 -4.60
C TYR A 63 5.12 -5.49 -5.91
N ALA A 64 5.87 -5.57 -7.00
CA ALA A 64 5.32 -5.34 -8.31
C ALA A 64 4.82 -6.60 -8.92
N LEU A 65 3.66 -6.52 -9.60
CA LEU A 65 3.16 -7.64 -10.42
C LEU A 65 3.85 -7.76 -11.78
N GLY A 66 4.47 -6.70 -12.30
CA GLY A 66 5.04 -6.76 -13.63
C GLY A 66 4.05 -6.29 -14.68
N GLU A 67 2.87 -5.79 -14.26
CA GLU A 67 1.83 -5.37 -15.21
C GLU A 67 1.57 -3.90 -14.95
N GLY A 68 2.12 -3.05 -15.78
CA GLY A 68 2.08 -1.62 -15.48
C GLY A 68 2.66 -1.30 -14.11
N ASP A 69 1.98 -0.37 -13.38
CA ASP A 69 2.38 -0.03 -12.02
C ASP A 69 1.48 -0.73 -10.99
N LYS A 70 0.88 -1.89 -11.34
CA LYS A 70 0.12 -2.67 -10.37
C LYS A 70 1.06 -3.21 -9.30
N VAL A 71 0.71 -3.01 -8.05
CA VAL A 71 1.40 -3.60 -6.90
C VAL A 71 0.42 -4.25 -5.93
N LYS A 72 0.92 -5.13 -5.06
CA LYS A 72 0.17 -5.81 -4.01
C LYS A 72 0.93 -5.74 -2.74
N CYS A 73 0.21 -5.57 -1.62
CA CYS A 73 0.82 -5.72 -0.29
C CYS A 73 1.08 -7.18 0.00
N PHE A 74 2.30 -7.50 0.52
CA PHE A 74 2.65 -8.89 0.85
C PHE A 74 1.80 -9.43 1.96
N HIS A 75 1.30 -8.55 2.86
CA HIS A 75 0.63 -8.98 4.06
C HIS A 75 -0.88 -9.07 3.85
N CYS A 76 -1.53 -7.97 3.51
CA CYS A 76 -2.98 -7.98 3.27
C CYS A 76 -3.39 -8.49 1.90
N GLY A 77 -2.47 -8.59 0.97
CA GLY A 77 -2.80 -8.91 -0.41
C GLY A 77 -3.41 -7.76 -1.21
N GLY A 78 -3.58 -6.60 -0.63
CA GLY A 78 -4.27 -5.51 -1.25
C GLY A 78 -3.52 -4.92 -2.42
N GLY A 79 -4.24 -4.77 -3.54
CA GLY A 79 -3.68 -4.32 -4.81
C GLY A 79 -4.09 -2.90 -5.12
N LEU A 80 -3.14 -2.15 -5.71
CA LEU A 80 -3.30 -0.77 -6.17
C LEU A 80 -2.56 -0.56 -7.45
N THR A 81 -3.04 0.41 -8.22
CA THR A 81 -2.45 0.76 -9.48
C THR A 81 -2.61 2.22 -9.79
N ASP A 82 -2.09 2.63 -10.93
CA ASP A 82 -2.26 4.01 -11.49
C ASP A 82 -1.81 5.09 -10.52
N TRP A 83 -0.54 5.01 -10.19
CA TRP A 83 0.11 5.86 -9.21
C TRP A 83 0.36 7.22 -9.80
N LYS A 84 -0.27 8.25 -9.22
CA LYS A 84 0.02 9.64 -9.54
C LYS A 84 1.18 10.09 -8.66
N PRO A 85 2.01 11.07 -9.11
CA PRO A 85 3.22 11.45 -8.34
C PRO A 85 2.92 12.03 -6.95
N SER A 86 1.71 12.60 -6.78
CA SER A 86 1.18 13.07 -5.50
C SER A 86 0.60 11.96 -4.57
N GLU A 87 0.41 10.73 -5.03
CA GLU A 87 -0.11 9.68 -4.17
C GLU A 87 1.01 9.03 -3.38
N ASP A 88 0.85 8.92 -2.05
CA ASP A 88 1.85 8.35 -1.16
C ASP A 88 1.53 6.85 -0.94
N PRO A 89 2.53 5.95 -1.10
CA PRO A 89 2.30 4.52 -0.77
C PRO A 89 1.63 4.19 0.58
N TRP A 90 2.14 4.66 1.68
CA TRP A 90 1.48 4.44 2.99
C TRP A 90 0.09 4.99 3.11
N GLU A 91 -0.18 6.21 2.59
CA GLU A 91 -1.52 6.75 2.64
C GLU A 91 -2.50 5.96 1.85
N GLN A 92 -2.08 5.52 0.62
CA GLN A 92 -2.97 4.73 -0.19
C GLN A 92 -3.24 3.39 0.41
N HIS A 93 -2.23 2.83 1.08
CA HIS A 93 -2.33 1.54 1.75
C HIS A 93 -3.39 1.60 2.83
N ALA A 94 -3.32 2.68 3.63
CA ALA A 94 -4.31 2.91 4.69
C ALA A 94 -5.71 3.24 4.13
N LYS A 95 -5.78 4.01 3.05
CA LYS A 95 -7.07 4.39 2.45
C LYS A 95 -7.87 3.17 2.00
N TRP A 96 -7.22 2.29 1.22
CA TRP A 96 -7.87 1.17 0.57
C TRP A 96 -7.85 -0.10 1.34
N TYR A 97 -6.79 -0.30 2.20
CA TYR A 97 -6.63 -1.54 3.00
C TYR A 97 -6.47 -1.24 4.44
N PRO A 98 -7.49 -0.58 5.03
CA PRO A 98 -7.40 -0.17 6.44
C PRO A 98 -7.27 -1.32 7.45
N GLY A 99 -7.60 -2.56 7.09
CA GLY A 99 -7.50 -3.72 7.99
C GLY A 99 -6.15 -4.40 8.03
N CYS A 100 -5.17 -3.92 7.21
CA CYS A 100 -3.92 -4.55 7.08
C CYS A 100 -3.12 -4.48 8.37
N LYS A 101 -2.68 -5.65 8.87
CA LYS A 101 -1.94 -5.68 10.14
C LYS A 101 -0.53 -5.24 10.04
N TYR A 102 0.07 -5.38 8.86
CA TYR A 102 1.37 -4.84 8.58
C TYR A 102 1.38 -3.32 8.62
N LEU A 103 0.43 -2.69 7.96
CA LEU A 103 0.16 -1.27 8.09
C LEU A 103 -0.02 -0.82 9.55
N LEU A 104 -0.81 -1.53 10.33
CA LEU A 104 -0.96 -1.19 11.76
C LEU A 104 0.36 -1.33 12.54
N GLU A 105 1.13 -2.37 12.26
CA GLU A 105 2.39 -2.60 12.96
C GLU A 105 3.35 -1.43 12.68
N GLN A 106 3.53 -1.11 11.43
CA GLN A 106 4.46 -0.11 10.98
C GLN A 106 4.07 1.31 11.28
N LYS A 107 2.79 1.66 11.11
CA LYS A 107 2.36 3.05 11.16
C LYS A 107 1.63 3.43 12.45
N GLY A 108 0.91 2.50 13.07
CA GLY A 108 0.01 2.79 14.19
C GLY A 108 -1.37 3.31 13.80
N GLN A 109 -2.45 2.93 14.58
CA GLN A 109 -3.89 3.23 14.30
C GLN A 109 -4.15 4.77 14.20
N GLU A 110 -3.36 5.58 14.91
CA GLU A 110 -3.44 7.03 15.00
C GLU A 110 -3.08 7.72 13.63
N TYR A 111 -1.93 7.30 13.03
CA TYR A 111 -1.61 7.61 11.63
C TYR A 111 -2.74 7.16 10.78
N ILE A 112 -3.28 5.95 11.04
CA ILE A 112 -4.32 5.39 10.21
C ILE A 112 -5.57 6.27 10.24
N ASN A 113 -5.97 6.69 11.41
CA ASN A 113 -7.18 7.47 11.61
C ASN A 113 -7.01 8.81 10.97
N ASN A 114 -5.86 9.52 11.22
CA ASN A 114 -5.52 10.78 10.52
C ASN A 114 -5.72 10.71 9.07
N ILE A 115 -5.13 9.69 8.42
CA ILE A 115 -5.27 9.49 7.00
C ILE A 115 -6.71 9.32 6.65
N HIS A 116 -7.45 8.57 7.47
CA HIS A 116 -8.86 8.34 7.19
C HIS A 116 -9.67 9.55 7.36
N LEU A 117 -9.43 10.28 8.45
CA LEU A 117 -10.09 11.57 8.62
C LEU A 117 -9.77 12.49 7.50
N THR A 118 -8.52 12.51 7.04
CA THR A 118 -8.10 13.43 5.99
C THR A 118 -8.80 13.12 4.67
N HIS A 119 -8.84 11.85 4.23
CA HIS A 119 -9.38 11.60 2.90
C HIS A 119 -10.91 11.74 2.87
N SER A 120 -11.60 11.47 3.96
CA SER A 120 -13.01 11.92 4.05
C SER A 120 -13.18 13.47 3.95
N LEU A 121 -12.38 14.22 4.65
CA LEU A 121 -12.46 15.67 4.56
C LEU A 121 -12.01 16.26 3.20
N GLU A 122 -11.09 15.58 2.51
CA GLU A 122 -10.73 15.96 1.14
C GLU A 122 -12.01 16.00 0.26
N GLU A 123 -12.86 14.94 0.43
CA GLU A 123 -14.16 14.79 -0.23
C GLU A 123 -15.17 15.93 0.05
N CYS A 124 -15.43 16.27 1.36
CA CYS A 124 -16.30 17.41 1.76
CA CYS A 124 -16.37 17.32 1.67
C CYS A 124 -15.96 18.59 0.90
N LEU A 125 -14.71 19.06 1.04
CA LEU A 125 -14.20 20.29 0.34
C LEU A 125 -14.60 20.40 -1.17
N VAL A 126 -14.47 19.29 -1.91
CA VAL A 126 -14.86 19.17 -3.32
C VAL A 126 -16.40 19.24 -3.45
N ARG A 127 -17.10 18.53 -2.52
CA ARG A 127 -18.55 18.31 -2.42
C ARG A 127 -18.86 16.99 -3.11
ZN ZN B . -1.24 -4.45 3.50
NA NA C . 9.37 -4.66 -14.41
C1 FUE D . -2.30 4.56 -5.93
C2 FUE D . -3.74 4.95 -6.21
C3 FUE D . -4.70 3.77 -6.00
N4 FUE D . -6.04 3.98 -6.57
C5 FUE D . -6.99 2.92 -6.18
C6 FUE D . -6.75 1.57 -6.83
C10 FUE D . -9.47 -0.56 -5.49
C11 FUE D . -9.04 -1.17 -4.17
C12 FUE D . -10.99 -0.51 -5.55
C13 FUE D . -8.89 -1.34 -6.65
C15 FUE D . -8.59 -3.07 -8.11
C16 FUE D . -7.52 -2.46 -8.73
C19 FUE D . -5.77 -5.40 -9.45
C21 FUE D . -3.62 -5.59 -8.48
C23 FUE D . -3.48 -4.24 -8.42
C24 FUE D . -4.51 -3.44 -8.88
C25 FUE D . -7.10 -1.22 -8.26
C26 FUE D . -7.81 -0.66 -7.20
C27 FUE D . -6.08 4.43 -7.98
C28 FUE D . -7.48 4.60 -8.61
C31 FUE D . -8.31 1.42 -10.34
C35 FUE D . -10.34 0.57 -9.36
C36 FUE D . -9.36 1.55 -9.45
C37 FUE D . -9.19 2.81 -8.70
C39 FUE D . -5.28 5.71 -8.01
O7 FUE D . -5.79 1.36 -7.56
N8 FUE D . -7.66 0.59 -6.54
C9 FUE D . -8.85 0.84 -5.69
N14 FUE D . -9.28 -2.52 -7.07
C17 FUE D . -6.80 -3.14 -9.88
C18 FUE D . -5.66 -4.01 -9.40
C20 FUE D . -4.72 -6.20 -8.98
F22 FUE D . -2.59 -6.36 -8.05
N29 FUE D . -8.05 3.38 -9.15
C30 FUE D . -7.40 2.60 -10.22
C32 FUE D . -8.25 0.31 -11.16
C33 FUE D . -9.21 -0.67 -11.07
C34 FUE D . -10.26 -0.55 -10.18
O38 FUE D . -9.93 3.28 -7.83
N40 FUE D . -3.87 5.44 -7.62
H41 FUE D . -2.28 3.81 -5.30
H42 FUE D . -1.83 5.32 -5.53
H43 FUE D . -1.86 4.30 -6.76
H44 FUE D . -4.00 5.68 -5.62
H46 FUE D . -4.31 2.97 -6.38
H45 FUE D . -4.80 3.62 -5.04
H48 FUE D . -6.94 2.81 -5.22
H47 FUE D . -7.88 3.21 -6.41
H53 FUE D . -9.26 -2.12 -4.16
H51 FUE D . -9.50 -0.72 -3.44
H52 FUE D . -8.07 -1.06 -4.06
H55 FUE D . -11.34 -1.40 -5.40
H56 FUE D . -11.27 -0.19 -6.42
H54 FUE D . -11.32 0.09 -4.85
H57 FUE D . -8.87 -3.91 -8.43
H60 FUE D . -6.54 -5.81 -9.79
H62 FUE D . -2.70 -3.85 -8.07
H63 FUE D . -4.43 -2.51 -8.83
H64 FUE D . -6.39 -0.76 -8.66
H65 FUE D . -5.60 3.78 -8.52
H67 FUE D . -8.09 4.96 -7.94
H66 FUE D . -7.41 5.26 -9.35
H73 FUE D . -11.05 0.67 -8.74
H74 FUE D . -5.67 6.36 -7.38
H75 FUE D . -5.29 6.09 -8.91
H50 FUE D . -8.58 1.23 -4.83
H49 FUE D . -9.47 1.44 -6.13
H59 FUE D . -7.44 -3.69 -10.38
H58 FUE D . -6.44 -2.46 -10.49
H61 FUE D . -4.78 -7.13 -9.02
H69 FUE D . -7.36 3.12 -11.04
H68 FUE D . -6.50 2.34 -9.96
H70 FUE D . -7.53 0.21 -11.77
H71 FUE D . -9.18 -1.43 -11.63
H72 FUE D . -10.93 -1.22 -10.13
H77 FUE D . -3.39 6.20 -7.73
#